data_9G19
#
_entry.id   9G19
#
_cell.length_a   71.708
_cell.length_b   154.104
_cell.length_c   53.062
_cell.angle_alpha   90.000
_cell.angle_beta   90.000
_cell.angle_gamma   90.000
#
_symmetry.space_group_name_H-M   'P 21 21 2'
#
loop_
_entity.id
_entity.type
_entity.pdbx_description
1 polymer 'Floricaula/leafy-like transcription factor'
2 polymer 'DNA (25-MER)'
3 polymer 'DNA (25-MER)'
4 water water
#
loop_
_entity_poly.entity_id
_entity_poly.type
_entity_poly.pdbx_seq_one_letter_code
_entity_poly.pdbx_strand_id
1 'polypeptide(L)'
;GAMEGEEGDDRPREHPFVVTEPGELARGKKNGLDYLFNLYEQAGKFLEEVQHIAREKGEKCPTKVTNQVFRHAKVQGAGY
INKPKMRQYVHCYALHCLASDKSDELRRCCKERGENVGAWCQACYLPLIKMAKEKSWDIEGLFNSHDKLKIWYVPKKLIQ
LCHQEKSK
;
A,B
2 'polydeoxyribonucleotide'
;(DT)(DT)(DG)(DC)(DG)(DT)(DT)(DG)(DC)(DT)(DA)(DC)(DC)(DG)(DG)(DT)(DC)(DG)(DC)(DT)
(DG)(DC)(DA)(DC)(DT)
;
C
3 'polydeoxyribonucleotide'
;(DA)(DA)(DG)(DT)(DG)(DC)(DA)(DG)(DC)(DG)(DA)(DC)(DC)(DG)(DG)(DT)(DA)(DG)(DC)(DA)
(DA)(DC)(DG)(DC)(DA)
;
D
#
loop_
_chem_comp.id
_chem_comp.type
_chem_comp.name
_chem_comp.formula
DA DNA linking 2'-DEOXYADENOSINE-5'-MONOPHOSPHATE 'C10 H14 N5 O6 P'
DC DNA linking 2'-DEOXYCYTIDINE-5'-MONOPHOSPHATE 'C9 H14 N3 O7 P'
DG DNA linking 2'-DEOXYGUANOSINE-5'-MONOPHOSPHATE 'C10 H14 N5 O7 P'
DT DNA linking THYMIDINE-5'-MONOPHOSPHATE 'C10 H15 N2 O8 P'
#
# COMPACT_ATOMS: atom_id res chain seq x y z
N PRO A 12 2.75 23.25 -18.90
CA PRO A 12 3.50 22.03 -19.23
C PRO A 12 4.68 21.79 -18.27
N ARG A 13 5.50 20.77 -18.59
CA ARG A 13 6.45 20.25 -17.63
C ARG A 13 7.18 21.41 -16.92
N GLU A 14 7.13 21.41 -15.56
CA GLU A 14 7.76 22.44 -14.74
C GLU A 14 9.26 22.44 -14.99
N HIS A 15 9.86 23.64 -14.94
CA HIS A 15 11.30 23.77 -15.02
C HIS A 15 11.94 22.93 -13.92
N PRO A 16 13.03 22.23 -14.24
CA PRO A 16 13.70 21.38 -13.27
C PRO A 16 14.14 22.15 -12.03
N PHE A 17 14.11 21.47 -10.91
CA PHE A 17 14.57 22.03 -9.67
C PHE A 17 16.07 22.13 -9.77
N VAL A 18 16.63 23.07 -8.98
CA VAL A 18 18.06 23.30 -8.91
C VAL A 18 18.37 23.90 -7.54
N VAL A 19 19.46 23.45 -6.94
CA VAL A 19 19.76 23.78 -5.55
C VAL A 19 20.02 25.28 -5.42
N THR A 20 19.57 25.88 -4.31
CA THR A 20 19.71 27.31 -4.11
C THR A 20 20.00 27.59 -2.64
N GLU A 21 20.59 28.75 -2.38
CA GLU A 21 20.72 29.25 -1.02
C GLU A 21 19.38 29.80 -0.59
N PRO A 22 19.17 30.14 0.70
CA PRO A 22 17.98 30.90 1.10
C PRO A 22 17.87 32.12 0.19
N GLY A 23 16.64 32.57 -0.07
CA GLY A 23 16.42 33.58 -1.08
C GLY A 23 16.85 33.06 -2.46
N GLU A 24 17.85 33.74 -3.05
CA GLU A 24 18.48 33.31 -4.30
C GLU A 24 17.43 32.81 -5.29
N LEU A 25 16.61 33.73 -5.78
CA LEU A 25 15.64 33.39 -6.81
C LEU A 25 16.39 32.90 -8.05
N ALA A 26 15.97 31.72 -8.56
CA ALA A 26 16.58 31.16 -9.75
C ALA A 26 15.99 31.82 -10.98
N ARG A 27 16.67 31.69 -12.12
CA ARG A 27 16.28 32.42 -13.31
C ARG A 27 16.18 31.48 -14.50
N GLY A 28 15.39 31.91 -15.47
CA GLY A 28 15.21 31.16 -16.72
C GLY A 28 14.50 29.81 -16.49
N LYS A 29 14.90 28.82 -17.27
CA LYS A 29 14.27 27.54 -17.27
C LYS A 29 14.75 26.71 -16.06
N LYS A 30 14.47 27.23 -14.84
CA LYS A 30 14.74 26.49 -13.60
C LYS A 30 13.78 26.99 -12.48
N ASN A 31 13.65 26.18 -11.41
CA ASN A 31 12.92 26.60 -10.21
C ASN A 31 13.79 26.34 -8.97
N GLY A 32 13.73 27.29 -8.02
CA GLY A 32 14.52 27.22 -6.79
C GLY A 32 13.84 26.33 -5.75
N LEU A 33 14.53 26.10 -4.62
CA LEU A 33 14.05 25.24 -3.53
C LEU A 33 13.01 25.97 -2.64
N ASP A 34 13.08 27.29 -2.60
CA ASP A 34 12.11 28.06 -1.86
C ASP A 34 10.76 27.89 -2.54
N TYR A 35 10.79 27.78 -3.87
CA TYR A 35 9.58 27.58 -4.66
C TYR A 35 9.00 26.22 -4.36
N LEU A 36 9.92 25.21 -4.38
CA LEU A 36 9.57 23.85 -3.99
C LEU A 36 8.70 23.86 -2.73
N PHE A 37 9.25 24.42 -1.62
CA PHE A 37 8.58 24.39 -0.34
C PHE A 37 7.26 25.13 -0.45
N ASN A 38 7.26 26.21 -1.25
CA ASN A 38 6.04 26.97 -1.42
C ASN A 38 4.93 26.08 -2.02
N LEU A 39 5.33 25.00 -2.72
CA LEU A 39 4.34 24.08 -3.29
C LEU A 39 3.49 23.44 -2.16
N TYR A 40 4.15 22.91 -1.12
CA TYR A 40 3.42 22.30 0.01
C TYR A 40 2.51 23.37 0.62
N GLU A 41 3.09 24.51 0.94
CA GLU A 41 2.30 25.60 1.46
C GLU A 41 0.98 25.64 0.67
N GLN A 42 1.07 25.47 -0.67
CA GLN A 42 -0.11 25.60 -1.53
C GLN A 42 -1.04 24.41 -1.34
N ALA A 43 -0.51 23.22 -1.58
CA ALA A 43 -1.20 22.01 -1.29
C ALA A 43 -2.08 22.21 -0.04
N GLY A 44 -1.46 22.76 1.01
CA GLY A 44 -2.17 23.06 2.25
C GLY A 44 -3.50 23.77 1.99
N LYS A 45 -3.46 24.90 1.25
CA LYS A 45 -4.64 25.71 1.01
C LYS A 45 -5.63 24.93 0.19
N PHE A 46 -5.15 23.93 -0.58
CA PHE A 46 -6.09 23.10 -1.33
C PHE A 46 -6.84 22.14 -0.38
N LEU A 47 -6.12 21.55 0.60
CA LEU A 47 -6.72 20.67 1.60
C LEU A 47 -7.71 21.46 2.44
N GLU A 48 -7.37 22.72 2.71
CA GLU A 48 -8.25 23.60 3.44
C GLU A 48 -9.57 23.67 2.68
N GLU A 49 -9.47 23.98 1.38
CA GLU A 49 -10.64 24.14 0.53
C GLU A 49 -11.46 22.86 0.48
N VAL A 50 -10.79 21.72 0.39
CA VAL A 50 -11.47 20.45 0.29
C VAL A 50 -12.21 20.19 1.59
N GLN A 51 -11.49 20.33 2.70
CA GLN A 51 -12.07 20.10 4.00
C GLN A 51 -13.42 20.83 4.11
N HIS A 52 -13.44 22.10 3.69
CA HIS A 52 -14.63 22.93 3.83
C HIS A 52 -15.77 22.32 3.01
N ILE A 53 -15.49 22.02 1.76
CA ILE A 53 -16.51 21.52 0.86
C ILE A 53 -17.18 20.31 1.49
N ALA A 54 -16.37 19.34 1.93
CA ALA A 54 -16.87 18.11 2.51
C ALA A 54 -17.94 18.42 3.57
N ARG A 55 -17.63 19.39 4.46
CA ARG A 55 -18.58 19.78 5.48
C ARG A 55 -19.91 20.13 4.83
N GLU A 56 -19.88 21.06 3.87
CA GLU A 56 -21.10 21.51 3.22
C GLU A 56 -21.79 20.34 2.51
N LYS A 57 -21.01 19.46 1.90
CA LYS A 57 -21.57 18.32 1.20
C LYS A 57 -21.70 17.15 2.17
N GLY A 58 -21.51 17.41 3.45
CA GLY A 58 -21.71 16.42 4.50
C GLY A 58 -21.02 15.08 4.15
N GLU A 59 -19.74 15.15 3.81
CA GLU A 59 -18.93 13.96 3.56
C GLU A 59 -17.71 13.99 4.48
N LYS A 60 -16.86 12.95 4.38
CA LYS A 60 -15.70 12.79 5.23
C LYS A 60 -14.69 13.89 4.94
N CYS A 61 -14.28 14.62 6.01
CA CYS A 61 -13.28 15.66 5.91
C CYS A 61 -11.91 15.11 6.30
N PRO A 62 -10.95 15.05 5.35
CA PRO A 62 -9.65 14.43 5.62
C PRO A 62 -8.72 15.27 6.48
N THR A 63 -7.93 14.56 7.28
CA THR A 63 -6.94 15.15 8.14
C THR A 63 -5.64 15.43 7.36
N LYS A 64 -5.52 14.83 6.17
CA LYS A 64 -4.25 14.78 5.47
C LYS A 64 -4.47 15.10 4.00
N VAL A 65 -3.37 15.08 3.22
CA VAL A 65 -3.42 15.36 1.78
C VAL A 65 -3.66 14.05 1.05
N THR A 66 -4.87 13.90 0.53
CA THR A 66 -5.30 12.66 -0.09
C THR A 66 -5.41 12.87 -1.58
N ASN A 67 -5.50 11.75 -2.31
CA ASN A 67 -5.58 11.77 -3.77
C ASN A 67 -6.59 12.83 -4.21
N GLN A 68 -7.66 13.03 -3.40
CA GLN A 68 -8.74 13.95 -3.76
C GLN A 68 -8.16 15.34 -3.95
N VAL A 69 -7.30 15.73 -3.00
CA VAL A 69 -6.76 17.08 -2.94
C VAL A 69 -6.01 17.35 -4.24
N PHE A 70 -5.11 16.40 -4.60
CA PHE A 70 -4.37 16.50 -5.84
C PHE A 70 -5.35 16.79 -6.96
N ARG A 71 -6.35 15.92 -7.09
CA ARG A 71 -7.32 16.03 -8.14
C ARG A 71 -7.93 17.43 -8.11
N HIS A 72 -8.20 17.93 -6.89
CA HIS A 72 -8.81 19.24 -6.71
C HIS A 72 -7.98 20.26 -7.43
N ALA A 73 -6.69 20.30 -7.08
CA ALA A 73 -5.76 21.29 -7.59
C ALA A 73 -5.71 21.22 -9.11
N LYS A 74 -5.60 20.00 -9.66
CA LYS A 74 -5.51 19.86 -11.10
C LYS A 74 -6.65 20.66 -11.72
N VAL A 75 -7.83 20.55 -11.12
CA VAL A 75 -8.98 21.28 -11.61
C VAL A 75 -8.72 22.76 -11.44
N GLN A 76 -8.12 23.13 -10.32
CA GLN A 76 -7.82 24.52 -10.01
C GLN A 76 -6.60 25.01 -10.84
N GLY A 77 -6.21 24.20 -11.85
CA GLY A 77 -5.12 24.55 -12.78
C GLY A 77 -3.76 24.60 -12.08
N ALA A 78 -3.57 23.76 -11.05
CA ALA A 78 -2.33 23.72 -10.30
C ALA A 78 -1.79 22.28 -10.30
N GLY A 79 -2.00 21.59 -11.44
CA GLY A 79 -1.39 20.28 -11.68
C GLY A 79 0.05 20.25 -11.17
N TYR A 80 0.77 21.43 -11.31
CA TYR A 80 2.18 21.53 -10.97
C TYR A 80 2.42 20.89 -9.59
N ILE A 81 1.40 20.95 -8.70
CA ILE A 81 1.40 20.14 -7.49
C ILE A 81 0.81 18.75 -7.79
N ASN A 82 1.70 17.72 -7.83
CA ASN A 82 1.27 16.33 -8.15
C ASN A 82 1.78 15.36 -7.07
N LYS A 83 1.27 14.13 -7.09
CA LYS A 83 1.53 13.20 -6.00
C LYS A 83 3.05 12.87 -5.95
N PRO A 84 3.61 12.21 -7.00
CA PRO A 84 4.94 11.60 -6.89
C PRO A 84 5.96 12.65 -6.46
N LYS A 85 5.90 13.82 -7.12
CA LYS A 85 6.81 14.90 -6.80
C LYS A 85 6.80 15.16 -5.30
N MET A 86 5.72 15.73 -4.83
CA MET A 86 5.60 16.07 -3.41
C MET A 86 6.27 14.96 -2.56
N ARG A 87 5.95 13.67 -2.86
CA ARG A 87 6.51 12.54 -2.09
C ARG A 87 8.02 12.64 -2.12
N GLN A 88 8.58 12.69 -3.36
CA GLN A 88 10.02 12.72 -3.56
C GLN A 88 10.63 13.68 -2.58
N TYR A 89 10.09 14.89 -2.52
CA TYR A 89 10.76 15.98 -1.84
C TYR A 89 10.16 16.15 -0.42
N VAL A 90 9.25 15.29 -0.02
CA VAL A 90 8.57 15.52 1.25
C VAL A 90 9.57 15.54 2.40
N HIS A 91 10.61 14.68 2.31
CA HIS A 91 11.63 14.56 3.38
C HIS A 91 12.39 15.87 3.58
N CYS A 92 12.70 16.53 2.48
CA CYS A 92 13.44 17.78 2.56
C CYS A 92 12.58 18.84 3.26
N TYR A 93 11.29 18.90 2.89
CA TYR A 93 10.37 19.90 3.43
C TYR A 93 10.33 19.76 4.93
N ALA A 94 10.31 18.51 5.40
CA ALA A 94 10.37 18.24 6.83
C ALA A 94 11.49 19.06 7.47
N LEU A 95 12.70 18.91 6.92
CA LEU A 95 13.85 19.61 7.46
C LEU A 95 13.53 21.10 7.51
N HIS A 96 13.15 21.67 6.35
CA HIS A 96 12.87 23.10 6.26
C HIS A 96 11.92 23.53 7.37
N CYS A 97 10.94 22.69 7.67
CA CYS A 97 9.96 23.03 8.67
C CYS A 97 10.59 22.92 10.05
N LEU A 98 11.17 21.76 10.35
CA LEU A 98 11.65 21.47 11.69
C LEU A 98 12.84 22.37 12.01
N ALA A 99 13.95 22.15 11.31
CA ALA A 99 15.17 22.89 11.58
C ALA A 99 15.60 23.67 10.35
N SER A 100 14.82 24.70 9.99
CA SER A 100 15.15 25.55 8.84
C SER A 100 16.65 25.87 8.87
N ASP A 101 17.16 26.10 10.08
CA ASP A 101 18.58 26.34 10.31
C ASP A 101 19.40 25.35 9.54
N LYS A 102 19.18 24.06 9.83
CA LYS A 102 20.02 22.99 9.30
C LYS A 102 19.78 22.83 7.81
N SER A 103 18.51 22.94 7.38
CA SER A 103 18.16 22.86 5.98
C SER A 103 18.96 23.87 5.21
N ASP A 104 18.93 25.11 5.70
CA ASP A 104 19.55 26.22 5.00
C ASP A 104 21.05 25.95 4.84
N GLU A 105 21.70 25.48 5.91
CA GLU A 105 23.12 25.19 5.85
C GLU A 105 23.37 24.11 4.80
N LEU A 106 22.48 23.12 4.72
CA LEU A 106 22.59 22.09 3.70
C LEU A 106 22.57 22.74 2.34
N ARG A 107 21.72 23.74 2.19
CA ARG A 107 21.54 24.39 0.92
C ARG A 107 22.79 25.21 0.58
N ARG A 108 23.23 26.05 1.53
CA ARG A 108 24.36 26.96 1.30
C ARG A 108 25.57 26.15 0.86
N CYS A 109 25.85 25.05 1.58
CA CYS A 109 26.95 24.15 1.26
C CYS A 109 26.82 23.66 -0.17
N CYS A 110 25.60 23.33 -0.52
CA CYS A 110 25.31 22.71 -1.80
C CYS A 110 25.59 23.68 -2.95
N LYS A 111 25.56 24.99 -2.66
CA LYS A 111 25.91 25.99 -3.65
C LYS A 111 27.38 25.83 -4.02
N GLU A 112 28.21 25.46 -3.03
CA GLU A 112 29.65 25.28 -3.23
C GLU A 112 29.89 24.14 -4.19
N ARG A 113 29.37 22.96 -3.85
CA ARG A 113 29.63 21.76 -4.61
C ARG A 113 28.76 21.75 -5.87
N GLY A 114 27.67 22.51 -5.84
CA GLY A 114 26.79 22.65 -6.98
C GLY A 114 26.32 21.28 -7.49
N GLU A 115 25.84 20.46 -6.56
CA GLU A 115 25.36 19.13 -6.87
C GLU A 115 23.92 19.22 -7.38
N ASN A 116 23.39 18.09 -7.88
CA ASN A 116 22.04 18.05 -8.40
C ASN A 116 21.09 17.87 -7.23
N VAL A 117 19.80 18.09 -7.50
CA VAL A 117 18.79 18.01 -6.48
C VAL A 117 18.81 16.60 -5.91
N GLY A 118 19.08 15.60 -6.77
CA GLY A 118 19.14 14.20 -6.35
C GLY A 118 20.02 14.04 -5.12
N ALA A 119 21.18 14.66 -5.16
CA ALA A 119 22.10 14.66 -4.05
C ALA A 119 21.49 15.38 -2.87
N TRP A 120 20.97 16.57 -3.12
CA TRP A 120 20.41 17.38 -2.06
C TRP A 120 19.43 16.54 -1.23
N CYS A 121 18.61 15.75 -1.92
CA CYS A 121 17.61 14.92 -1.27
C CYS A 121 18.25 13.80 -0.48
N GLN A 122 18.95 12.91 -1.18
CA GLN A 122 19.42 11.69 -0.58
C GLN A 122 20.33 12.02 0.60
N ALA A 123 20.65 13.31 0.76
CA ALA A 123 21.55 13.78 1.81
C ALA A 123 20.75 14.41 2.93
N CYS A 124 19.65 15.07 2.57
CA CYS A 124 18.80 15.75 3.51
C CYS A 124 18.33 14.76 4.62
N TYR A 125 18.47 13.46 4.38
CA TYR A 125 18.00 12.44 5.32
C TYR A 125 18.87 12.44 6.59
N LEU A 126 20.20 12.36 6.40
CA LEU A 126 21.14 12.24 7.52
C LEU A 126 20.66 13.09 8.69
N PRO A 127 20.50 14.43 8.53
CA PRO A 127 20.11 15.29 9.65
C PRO A 127 18.76 14.91 10.27
N LEU A 128 17.85 14.38 9.44
CA LEU A 128 16.51 14.03 9.91
C LEU A 128 16.63 12.92 10.96
N ILE A 129 17.26 11.80 10.58
CA ILE A 129 17.34 10.63 11.46
C ILE A 129 17.99 11.02 12.77
N LYS A 130 18.94 11.97 12.72
CA LYS A 130 19.57 12.47 13.93
C LYS A 130 18.48 12.99 14.86
N MET A 131 17.49 13.67 14.28
CA MET A 131 16.37 14.18 15.05
C MET A 131 15.46 13.03 15.45
N ALA A 132 15.52 11.92 14.69
CA ALA A 132 14.76 10.73 15.05
C ALA A 132 15.21 10.22 16.42
N LYS A 133 16.51 10.33 16.69
CA LYS A 133 17.03 10.09 18.03
C LYS A 133 16.44 11.14 18.95
N GLU A 134 16.63 10.96 20.26
CA GLU A 134 16.08 11.88 21.25
C GLU A 134 14.57 11.68 21.33
N LYS A 135 13.90 11.76 20.17
CA LYS A 135 12.46 11.59 20.10
C LYS A 135 12.12 10.11 19.99
N SER A 136 13.07 9.25 20.38
CA SER A 136 12.82 7.82 20.46
C SER A 136 12.20 7.33 19.15
N TRP A 137 12.76 7.78 18.03
CA TRP A 137 12.39 7.31 16.70
C TRP A 137 10.86 7.36 16.50
N ASP A 138 10.20 8.33 17.15
CA ASP A 138 8.77 8.53 16.94
C ASP A 138 8.57 9.54 15.83
N ILE A 139 8.97 9.16 14.63
CA ILE A 139 8.93 10.04 13.48
C ILE A 139 7.53 10.61 13.37
N GLU A 140 6.54 9.74 13.48
CA GLU A 140 5.17 10.10 13.28
C GLU A 140 4.81 11.25 14.21
N GLY A 141 5.11 11.06 15.50
CA GLY A 141 4.96 12.13 16.45
C GLY A 141 5.61 13.42 15.94
N LEU A 142 6.86 13.29 15.49
CA LEU A 142 7.67 14.43 15.08
C LEU A 142 6.93 15.20 13.99
N PHE A 143 6.45 14.50 12.96
CA PHE A 143 5.66 15.13 11.91
C PHE A 143 4.39 15.74 12.54
N ASN A 144 3.79 15.01 13.51
CA ASN A 144 2.54 15.43 14.12
C ASN A 144 2.76 16.70 14.95
N SER A 145 4.02 16.95 15.33
CA SER A 145 4.34 18.08 16.20
C SER A 145 4.14 19.40 15.47
N HIS A 146 4.64 19.50 14.22
CA HIS A 146 4.61 20.77 13.51
C HIS A 146 3.20 21.04 12.98
N ASP A 147 2.84 22.33 12.98
CA ASP A 147 1.55 22.79 12.47
C ASP A 147 1.37 22.32 11.03
N LYS A 148 2.35 22.68 10.17
CA LYS A 148 2.43 22.09 8.84
C LYS A 148 3.04 20.70 8.99
N LEU A 149 3.33 20.04 7.87
CA LEU A 149 3.83 18.68 7.93
C LEU A 149 2.72 17.71 8.35
N LYS A 150 2.00 18.05 9.44
CA LYS A 150 0.89 17.24 9.90
C LYS A 150 0.19 16.62 8.69
N ILE A 151 -0.13 17.47 7.71
CA ILE A 151 -1.00 17.11 6.59
C ILE A 151 -0.25 16.16 5.62
N TRP A 152 0.97 15.77 5.97
CA TRP A 152 1.77 14.99 5.05
C TRP A 152 2.15 13.65 5.66
N TYR A 153 1.77 12.57 4.95
CA TYR A 153 2.04 11.22 5.42
C TYR A 153 3.56 10.98 5.46
N VAL A 154 4.06 10.54 6.62
CA VAL A 154 5.44 10.10 6.74
C VAL A 154 5.75 9.15 5.58
N PRO A 155 6.87 9.34 4.87
CA PRO A 155 7.26 8.44 3.80
C PRO A 155 7.81 7.12 4.34
N LYS A 156 7.67 6.05 3.54
CA LYS A 156 8.06 4.71 3.95
C LYS A 156 9.54 4.63 4.22
N LYS A 157 10.35 5.09 3.26
CA LYS A 157 11.80 5.00 3.35
C LYS A 157 12.25 5.45 4.74
N LEU A 158 11.75 6.61 5.17
CA LEU A 158 12.21 7.23 6.38
C LEU A 158 12.01 6.28 7.56
N ILE A 159 10.84 5.64 7.64
CA ILE A 159 10.54 4.75 8.76
C ILE A 159 11.57 3.62 8.81
N GLN A 160 11.76 2.95 7.67
CA GLN A 160 12.59 1.76 7.60
C GLN A 160 14.06 2.17 7.74
N LEU A 161 14.48 3.19 6.98
CA LEU A 161 15.86 3.67 7.02
C LEU A 161 16.20 4.10 8.45
N CYS A 162 15.23 4.66 9.17
CA CYS A 162 15.38 4.95 10.59
C CYS A 162 15.38 3.64 11.38
N HIS A 163 14.46 2.74 11.01
CA HIS A 163 14.27 1.49 11.74
C HIS A 163 15.54 0.64 11.67
N GLN A 164 16.21 0.66 10.51
CA GLN A 164 17.42 -0.13 10.30
C GLN A 164 18.46 0.22 11.38
N GLU A 165 18.63 1.52 11.64
CA GLU A 165 19.56 1.99 12.66
C GLU A 165 19.17 1.38 14.01
N LYS A 166 17.87 1.40 14.30
CA LYS A 166 17.35 0.84 15.55
C LYS A 166 17.73 -0.65 15.64
N ASP B 10 -24.71 -7.53 -19.37
CA ASP B 10 -23.89 -8.76 -19.54
C ASP B 10 -22.90 -8.88 -18.38
N ARG B 11 -22.21 -10.03 -18.32
CA ARG B 11 -21.22 -10.32 -17.27
C ARG B 11 -21.83 -10.01 -15.89
N PRO B 12 -22.83 -10.80 -15.42
CA PRO B 12 -23.53 -10.49 -14.16
C PRO B 12 -22.87 -11.02 -12.89
N ARG B 13 -23.43 -10.60 -11.74
CA ARG B 13 -22.92 -10.96 -10.41
C ARG B 13 -23.24 -12.42 -10.13
N GLU B 14 -22.50 -13.01 -9.19
CA GLU B 14 -22.69 -14.41 -8.81
C GLU B 14 -23.32 -14.46 -7.43
N HIS B 15 -23.87 -15.63 -7.10
CA HIS B 15 -24.64 -15.83 -5.90
C HIS B 15 -23.69 -16.14 -4.77
N PRO B 16 -24.08 -15.86 -3.53
CA PRO B 16 -23.17 -15.96 -2.38
C PRO B 16 -22.62 -17.34 -2.07
N PHE B 17 -21.44 -17.36 -1.44
CA PHE B 17 -20.89 -18.56 -0.87
C PHE B 17 -21.68 -18.93 0.38
N VAL B 18 -21.65 -20.24 0.71
CA VAL B 18 -22.26 -20.76 1.93
C VAL B 18 -21.45 -21.95 2.41
N VAL B 19 -21.29 -22.03 3.73
CA VAL B 19 -20.42 -22.99 4.37
C VAL B 19 -20.87 -24.43 4.04
N THR B 20 -19.92 -25.30 3.64
CA THR B 20 -20.25 -26.68 3.31
C THR B 20 -19.23 -27.62 3.94
N GLU B 21 -19.65 -28.87 4.13
CA GLU B 21 -18.75 -29.96 4.48
C GLU B 21 -17.85 -30.22 3.27
N PRO B 22 -16.70 -30.90 3.47
CA PRO B 22 -15.92 -31.40 2.35
C PRO B 22 -16.78 -32.27 1.43
N GLY B 23 -16.57 -32.15 0.12
CA GLY B 23 -17.27 -32.98 -0.86
C GLY B 23 -18.70 -32.49 -1.13
N GLU B 24 -19.32 -31.84 -0.12
CA GLU B 24 -20.72 -31.44 -0.19
C GLU B 24 -20.96 -30.52 -1.39
N LEU B 25 -22.17 -30.63 -1.99
CA LEU B 25 -22.54 -29.82 -3.13
C LEU B 25 -23.49 -28.69 -2.68
N ALA B 26 -23.65 -27.69 -3.54
CA ALA B 26 -24.31 -26.44 -3.16
C ALA B 26 -25.81 -26.61 -3.17
N ARG B 27 -26.49 -25.68 -2.51
CA ARG B 27 -27.94 -25.64 -2.47
C ARG B 27 -28.44 -24.65 -3.52
N GLY B 28 -28.44 -25.07 -4.78
CA GLY B 28 -29.05 -24.30 -5.86
C GLY B 28 -28.35 -22.97 -6.07
N LYS B 29 -29.10 -21.87 -5.88
CA LYS B 29 -28.59 -20.54 -6.13
C LYS B 29 -27.65 -20.12 -4.98
N LYS B 30 -26.51 -20.83 -4.87
CA LYS B 30 -25.46 -20.55 -3.89
C LYS B 30 -24.27 -21.44 -4.23
N ASN B 31 -23.09 -21.14 -3.64
CA ASN B 31 -21.85 -21.84 -4.00
C ASN B 31 -21.20 -22.42 -2.75
N GLY B 32 -20.52 -23.57 -2.93
CA GLY B 32 -19.83 -24.26 -1.84
C GLY B 32 -18.37 -23.81 -1.71
N LEU B 33 -17.70 -24.26 -0.64
CA LEU B 33 -16.38 -23.76 -0.30
C LEU B 33 -15.32 -24.52 -1.08
N ASP B 34 -15.66 -25.70 -1.58
CA ASP B 34 -14.74 -26.43 -2.42
C ASP B 34 -14.64 -25.72 -3.77
N TYR B 35 -15.71 -25.02 -4.15
CA TYR B 35 -15.71 -24.18 -5.33
C TYR B 35 -14.73 -23.05 -5.11
N LEU B 36 -14.87 -22.38 -3.96
CA LEU B 36 -14.04 -21.24 -3.59
C LEU B 36 -12.56 -21.61 -3.75
N PHE B 37 -12.15 -22.73 -3.14
CA PHE B 37 -10.76 -23.17 -3.19
C PHE B 37 -10.33 -23.38 -4.64
N ASN B 38 -11.14 -24.09 -5.40
CA ASN B 38 -10.84 -24.37 -6.79
C ASN B 38 -10.52 -23.08 -7.54
N LEU B 39 -11.25 -22.01 -7.21
CA LEU B 39 -11.09 -20.73 -7.89
C LEU B 39 -9.63 -20.33 -7.87
N TYR B 40 -9.00 -20.46 -6.70
CA TYR B 40 -7.61 -20.11 -6.52
C TYR B 40 -6.77 -20.92 -7.51
N GLU B 41 -6.99 -22.25 -7.51
CA GLU B 41 -6.29 -23.14 -8.42
C GLU B 41 -6.42 -22.60 -9.85
N GLN B 42 -7.61 -22.09 -10.20
CA GLN B 42 -7.84 -21.48 -11.51
C GLN B 42 -6.89 -20.31 -11.71
N ALA B 43 -6.97 -19.35 -10.79
CA ALA B 43 -6.10 -18.19 -10.81
C ALA B 43 -4.69 -18.65 -11.17
N GLY B 44 -4.21 -19.68 -10.46
CA GLY B 44 -2.93 -20.31 -10.77
C GLY B 44 -2.76 -20.50 -12.28
N LYS B 45 -3.74 -21.20 -12.92
CA LYS B 45 -3.66 -21.57 -14.33
C LYS B 45 -3.71 -20.33 -15.22
N PHE B 46 -4.15 -19.19 -14.69
CA PHE B 46 -4.11 -17.94 -15.44
C PHE B 46 -2.71 -17.35 -15.34
N LEU B 47 -2.11 -17.43 -14.15
CA LEU B 47 -0.75 -16.94 -13.95
C LEU B 47 0.17 -17.75 -14.85
N GLU B 48 -0.09 -19.05 -14.95
CA GLU B 48 0.65 -19.91 -15.85
C GLU B 48 0.60 -19.31 -17.24
N GLU B 49 -0.62 -18.98 -17.70
CA GLU B 49 -0.85 -18.50 -19.05
C GLU B 49 -0.16 -17.17 -19.27
N VAL B 50 -0.23 -16.28 -18.29
CA VAL B 50 0.36 -14.96 -18.42
C VAL B 50 1.89 -15.09 -18.49
N GLN B 51 2.47 -15.90 -17.59
CA GLN B 51 3.91 -16.09 -17.55
C GLN B 51 4.42 -16.47 -18.95
N HIS B 52 3.69 -17.36 -19.62
CA HIS B 52 4.05 -17.81 -20.96
C HIS B 52 3.99 -16.63 -21.94
N ILE B 53 2.96 -15.78 -21.76
CA ILE B 53 2.76 -14.61 -22.61
C ILE B 53 3.82 -13.58 -22.28
N ALA B 54 4.58 -13.82 -21.22
CA ALA B 54 5.63 -12.89 -20.80
C ALA B 54 6.98 -13.29 -21.42
N ARG B 55 7.37 -14.56 -21.27
CA ARG B 55 8.57 -15.07 -21.90
C ARG B 55 8.53 -14.66 -23.37
N GLU B 56 7.55 -15.18 -24.12
CA GLU B 56 7.25 -14.64 -25.43
C GLU B 56 6.99 -13.15 -25.27
N LYS B 57 7.67 -12.32 -26.07
CA LYS B 57 7.59 -10.86 -25.95
C LYS B 57 8.59 -10.38 -24.88
N GLY B 58 9.37 -11.33 -24.34
CA GLY B 58 10.47 -11.04 -23.43
C GLY B 58 10.11 -9.93 -22.44
N GLU B 59 8.94 -10.00 -21.84
CA GLU B 59 8.58 -9.10 -20.76
C GLU B 59 9.00 -9.75 -19.43
N LYS B 60 8.86 -9.00 -18.35
CA LYS B 60 9.17 -9.50 -17.03
C LYS B 60 8.14 -10.54 -16.61
N CYS B 61 8.63 -11.66 -16.02
CA CYS B 61 7.79 -12.81 -15.63
C CYS B 61 7.24 -12.62 -14.21
N PRO B 62 5.90 -12.65 -14.00
CA PRO B 62 5.29 -12.20 -12.74
C PRO B 62 5.67 -12.91 -11.43
N THR B 63 5.61 -14.25 -11.42
CA THR B 63 5.98 -15.06 -10.23
C THR B 63 4.83 -15.09 -9.22
N LYS B 64 3.95 -14.08 -9.27
CA LYS B 64 2.81 -14.00 -8.39
C LYS B 64 1.61 -13.47 -9.15
N VAL B 65 0.47 -13.41 -8.48
CA VAL B 65 -0.73 -12.89 -9.09
C VAL B 65 -0.66 -11.37 -9.10
N THR B 66 -0.45 -10.82 -10.28
CA THR B 66 -0.53 -9.40 -10.48
C THR B 66 -1.91 -9.05 -11.04
N ASN B 67 -2.32 -7.82 -10.78
CA ASN B 67 -3.52 -7.28 -11.37
C ASN B 67 -3.63 -7.77 -12.81
N GLN B 68 -2.49 -7.86 -13.54
CA GLN B 68 -2.51 -8.36 -14.92
C GLN B 68 -3.38 -9.63 -14.96
N VAL B 69 -3.00 -10.60 -14.14
CA VAL B 69 -3.62 -11.89 -14.16
C VAL B 69 -5.13 -11.71 -14.03
N PHE B 70 -5.55 -10.96 -13.02
CA PHE B 70 -6.95 -10.69 -12.83
C PHE B 70 -7.52 -10.16 -14.14
N ARG B 71 -6.97 -9.05 -14.64
CA ARG B 71 -7.38 -8.51 -15.92
C ARG B 71 -7.53 -9.66 -16.92
N HIS B 72 -6.55 -10.57 -16.91
CA HIS B 72 -6.52 -11.64 -17.90
C HIS B 72 -7.74 -12.55 -17.74
N ALA B 73 -7.96 -13.05 -16.51
CA ALA B 73 -9.11 -13.90 -16.21
C ALA B 73 -10.39 -13.21 -16.69
N LYS B 74 -10.57 -11.95 -16.28
CA LYS B 74 -11.69 -11.14 -16.72
C LYS B 74 -11.92 -11.29 -18.24
N VAL B 75 -10.87 -11.06 -19.05
CA VAL B 75 -11.04 -10.97 -20.51
C VAL B 75 -11.35 -12.37 -21.06
N GLN B 76 -10.93 -13.42 -20.37
CA GLN B 76 -11.30 -14.76 -20.80
C GLN B 76 -12.58 -15.20 -20.09
N GLY B 77 -13.26 -14.23 -19.47
CA GLY B 77 -14.56 -14.45 -18.86
C GLY B 77 -14.46 -15.30 -17.60
N ALA B 78 -13.73 -14.78 -16.62
CA ALA B 78 -13.65 -15.42 -15.32
C ALA B 78 -13.55 -14.34 -14.26
N GLY B 79 -14.28 -13.23 -14.50
CA GLY B 79 -14.33 -12.13 -13.55
C GLY B 79 -14.58 -12.63 -12.14
N TYR B 80 -15.25 -13.78 -12.04
CA TYR B 80 -15.54 -14.38 -10.76
C TYR B 80 -14.24 -14.54 -9.98
N ILE B 81 -13.10 -14.40 -10.69
CA ILE B 81 -11.80 -14.29 -10.03
C ILE B 81 -11.40 -12.79 -10.00
N ASN B 82 -11.71 -12.15 -8.85
CA ASN B 82 -11.47 -10.72 -8.67
C ASN B 82 -10.54 -10.48 -7.47
N LYS B 83 -10.05 -9.27 -7.36
CA LYS B 83 -8.98 -8.99 -6.42
C LYS B 83 -9.54 -9.09 -4.99
N PRO B 84 -10.54 -8.26 -4.61
CA PRO B 84 -11.00 -8.18 -3.21
C PRO B 84 -11.49 -9.54 -2.67
N LYS B 85 -12.24 -10.27 -3.50
CA LYS B 85 -12.70 -11.58 -3.07
C LYS B 85 -11.50 -12.43 -2.70
N MET B 86 -10.61 -12.62 -3.67
CA MET B 86 -9.48 -13.52 -3.51
C MET B 86 -8.68 -13.18 -2.22
N ARG B 87 -8.53 -11.86 -1.91
CA ARG B 87 -7.87 -11.44 -0.67
C ARG B 87 -8.74 -11.79 0.53
N GLN B 88 -10.06 -11.58 0.39
CA GLN B 88 -11.03 -11.81 1.48
C GLN B 88 -10.85 -13.19 2.09
N TYR B 89 -10.39 -14.17 1.27
CA TYR B 89 -10.49 -15.58 1.64
C TYR B 89 -9.14 -16.28 1.54
N VAL B 90 -8.07 -15.56 1.37
CA VAL B 90 -6.80 -16.24 1.19
C VAL B 90 -6.42 -16.92 2.52
N HIS B 91 -6.75 -16.28 3.66
CA HIS B 91 -6.42 -16.84 4.95
C HIS B 91 -6.96 -18.27 5.02
N CYS B 92 -8.10 -18.50 4.37
CA CYS B 92 -8.75 -19.78 4.41
C CYS B 92 -8.06 -20.75 3.46
N TYR B 93 -7.79 -20.28 2.21
CA TYR B 93 -7.07 -21.11 1.25
C TYR B 93 -5.79 -21.62 1.91
N ALA B 94 -5.17 -20.74 2.70
CA ALA B 94 -4.01 -21.12 3.48
C ALA B 94 -4.36 -22.33 4.35
N LEU B 95 -5.43 -22.21 5.13
CA LEU B 95 -5.81 -23.27 6.05
C LEU B 95 -6.04 -24.56 5.29
N HIS B 96 -6.77 -24.49 4.18
CA HIS B 96 -7.07 -25.68 3.39
C HIS B 96 -5.78 -26.34 2.91
N CYS B 97 -4.85 -25.54 2.38
CA CYS B 97 -3.65 -26.08 1.78
C CYS B 97 -2.80 -26.74 2.87
N LEU B 98 -2.69 -26.07 4.01
CA LEU B 98 -1.75 -26.46 5.06
C LEU B 98 -2.30 -27.64 5.83
N ALA B 99 -3.39 -27.41 6.58
CA ALA B 99 -4.00 -28.46 7.39
C ALA B 99 -5.43 -28.71 6.92
N SER B 100 -5.59 -29.28 5.72
CA SER B 100 -6.91 -29.57 5.18
C SER B 100 -7.72 -30.27 6.25
N ASP B 101 -7.05 -31.14 7.01
CA ASP B 101 -7.62 -31.79 8.18
C ASP B 101 -8.43 -30.79 8.99
N LYS B 102 -7.78 -29.70 9.45
CA LYS B 102 -8.38 -28.78 10.41
C LYS B 102 -9.38 -27.86 9.71
N SER B 103 -9.10 -27.49 8.47
CA SER B 103 -10.06 -26.73 7.68
C SER B 103 -11.36 -27.51 7.65
N ASP B 104 -11.25 -28.80 7.30
CA ASP B 104 -12.40 -29.67 7.10
C ASP B 104 -13.23 -29.73 8.38
N GLU B 105 -12.55 -29.88 9.53
CA GLU B 105 -13.25 -29.98 10.80
C GLU B 105 -13.93 -28.66 11.10
N LEU B 106 -13.23 -27.55 10.86
CA LEU B 106 -13.78 -26.24 11.11
C LEU B 106 -15.04 -26.05 10.29
N ARG B 107 -15.04 -26.56 9.05
CA ARG B 107 -16.17 -26.43 8.16
C ARG B 107 -17.36 -27.18 8.72
N ARG B 108 -17.11 -28.38 9.24
CA ARG B 108 -18.16 -29.18 9.85
C ARG B 108 -18.75 -28.43 11.04
N CYS B 109 -17.88 -28.02 11.97
CA CYS B 109 -18.31 -27.33 13.17
C CYS B 109 -19.22 -26.16 12.81
N CYS B 110 -18.74 -25.29 11.93
CA CYS B 110 -19.46 -24.09 11.55
C CYS B 110 -20.76 -24.47 10.84
N LYS B 111 -20.73 -25.58 10.10
CA LYS B 111 -21.91 -26.10 9.40
C LYS B 111 -23.01 -26.41 10.42
N GLU B 112 -22.68 -27.22 11.44
CA GLU B 112 -23.69 -27.77 12.34
C GLU B 112 -24.06 -26.75 13.41
N ARG B 113 -23.28 -25.66 13.52
CA ARG B 113 -23.62 -24.54 14.40
C ARG B 113 -24.46 -23.52 13.64
N GLY B 114 -24.65 -23.75 12.34
CA GLY B 114 -25.47 -22.87 11.51
C GLY B 114 -24.79 -21.53 11.25
N GLU B 115 -23.49 -21.58 10.97
CA GLU B 115 -22.73 -20.38 10.71
C GLU B 115 -22.94 -19.94 9.27
N ASN B 116 -22.79 -18.63 9.01
CA ASN B 116 -22.71 -18.11 7.66
C ASN B 116 -21.24 -18.08 7.26
N VAL B 117 -20.95 -17.73 5.99
CA VAL B 117 -19.57 -17.75 5.52
C VAL B 117 -18.74 -16.73 6.29
N GLY B 118 -19.37 -15.58 6.60
CA GLY B 118 -18.68 -14.50 7.30
C GLY B 118 -18.02 -14.99 8.60
N ALA B 119 -18.79 -15.68 9.41
CA ALA B 119 -18.26 -16.17 10.66
C ALA B 119 -17.09 -17.09 10.37
N TRP B 120 -17.25 -17.94 9.35
CA TRP B 120 -16.20 -18.87 9.00
C TRP B 120 -14.90 -18.11 8.87
N CYS B 121 -14.95 -16.98 8.14
CA CYS B 121 -13.74 -16.23 7.85
C CYS B 121 -13.05 -15.89 9.18
N GLN B 122 -13.82 -15.24 10.10
CA GLN B 122 -13.25 -14.84 11.41
C GLN B 122 -12.81 -16.10 12.16
N ALA B 123 -13.53 -17.20 12.01
CA ALA B 123 -13.14 -18.42 12.68
C ALA B 123 -11.77 -18.91 12.18
N CYS B 124 -11.56 -18.91 10.87
CA CYS B 124 -10.39 -19.59 10.31
C CYS B 124 -9.11 -19.01 10.82
N TYR B 125 -9.17 -17.85 11.46
CA TYR B 125 -7.96 -17.15 11.84
C TYR B 125 -7.23 -17.91 12.96
N LEU B 126 -7.97 -18.31 14.00
CA LEU B 126 -7.36 -18.78 15.24
C LEU B 126 -6.42 -19.98 14.96
N PRO B 127 -6.85 -21.05 14.24
CA PRO B 127 -5.95 -22.17 13.93
C PRO B 127 -4.64 -21.67 13.34
N LEU B 128 -4.73 -20.93 12.22
CA LEU B 128 -3.56 -20.41 11.52
C LEU B 128 -2.59 -19.79 12.53
N ILE B 129 -3.12 -19.00 13.45
CA ILE B 129 -2.30 -18.37 14.46
C ILE B 129 -1.51 -19.44 15.19
N LYS B 130 -2.21 -20.45 15.70
CA LYS B 130 -1.58 -21.49 16.49
C LYS B 130 -0.57 -22.26 15.62
N MET B 131 -0.90 -22.47 14.35
CA MET B 131 0.00 -23.15 13.43
C MET B 131 1.29 -22.34 13.33
N ALA B 132 1.15 -21.02 13.25
CA ALA B 132 2.29 -20.13 13.21
C ALA B 132 3.11 -20.31 14.48
N LYS B 133 2.43 -20.44 15.63
CA LYS B 133 3.11 -20.60 16.90
C LYS B 133 3.95 -21.88 16.86
N GLU B 134 3.42 -22.91 16.20
CA GLU B 134 4.16 -24.16 16.02
C GLU B 134 5.43 -23.88 15.21
N LYS B 135 5.28 -23.07 14.16
CA LYS B 135 6.41 -22.62 13.36
C LYS B 135 6.86 -21.27 13.90
N SER B 136 7.26 -20.36 12.98
CA SER B 136 7.63 -19.01 13.39
C SER B 136 7.21 -17.99 12.33
N TRP B 137 7.86 -18.03 11.16
CA TRP B 137 7.66 -17.01 10.13
C TRP B 137 6.39 -17.31 9.34
N ASP B 138 5.43 -16.37 9.41
CA ASP B 138 4.19 -16.48 8.67
C ASP B 138 4.53 -16.57 7.19
N ILE B 139 5.30 -15.59 6.71
CA ILE B 139 5.62 -15.51 5.29
C ILE B 139 6.17 -16.86 4.83
N GLU B 140 7.10 -17.41 5.61
CA GLU B 140 7.68 -18.70 5.28
C GLU B 140 6.57 -19.60 4.73
N GLY B 141 5.56 -19.85 5.58
CA GLY B 141 4.45 -20.69 5.20
C GLY B 141 4.02 -20.43 3.76
N LEU B 142 3.59 -19.19 3.50
CA LEU B 142 3.17 -18.80 2.18
C LEU B 142 4.39 -18.73 1.26
N PHE B 143 5.57 -18.42 1.84
CA PHE B 143 6.76 -18.12 1.06
C PHE B 143 7.33 -19.41 0.47
N ASN B 144 6.69 -19.88 -0.60
CA ASN B 144 7.20 -20.98 -1.39
C ASN B 144 7.25 -22.26 -0.55
N SER B 145 6.59 -22.25 0.62
CA SER B 145 6.52 -23.43 1.46
C SER B 145 5.69 -24.50 0.77
N HIS B 146 4.55 -24.08 0.22
CA HIS B 146 3.66 -24.96 -0.52
C HIS B 146 3.49 -24.37 -1.92
N ASP B 147 3.82 -25.16 -2.95
CA ASP B 147 3.87 -24.69 -4.33
C ASP B 147 2.57 -23.98 -4.70
N LYS B 148 1.46 -24.35 -4.05
CA LYS B 148 0.16 -23.79 -4.38
C LYS B 148 0.01 -22.41 -3.73
N LEU B 149 0.51 -22.26 -2.50
CA LEU B 149 0.35 -21.02 -1.76
C LEU B 149 1.42 -19.99 -2.16
N LYS B 150 2.40 -20.41 -2.98
CA LYS B 150 3.53 -19.55 -3.37
C LYS B 150 3.03 -18.30 -4.09
N ILE B 151 2.07 -18.50 -4.98
CA ILE B 151 1.66 -17.48 -5.94
C ILE B 151 0.90 -16.34 -5.24
N TRP B 152 0.53 -16.51 -3.99
CA TRP B 152 -0.32 -15.52 -3.34
C TRP B 152 0.48 -14.70 -2.35
N TYR B 153 0.10 -13.43 -2.22
CA TYR B 153 0.71 -12.54 -1.26
C TYR B 153 0.11 -12.79 0.11
N VAL B 154 0.94 -12.73 1.13
CA VAL B 154 0.47 -12.70 2.50
C VAL B 154 -0.42 -11.50 2.70
N PRO B 155 -1.56 -11.65 3.38
CA PRO B 155 -2.37 -10.49 3.77
C PRO B 155 -1.70 -9.74 4.93
N LYS B 156 -1.95 -8.44 5.01
CA LYS B 156 -1.34 -7.59 6.01
C LYS B 156 -1.81 -8.02 7.41
N LYS B 157 -3.14 -8.05 7.63
CA LYS B 157 -3.72 -8.31 8.94
C LYS B 157 -3.10 -9.55 9.54
N LEU B 158 -3.05 -10.63 8.75
CA LEU B 158 -2.55 -11.90 9.22
C LEU B 158 -1.19 -11.71 9.89
N ILE B 159 -0.31 -10.95 9.21
CA ILE B 159 1.07 -10.81 9.64
C ILE B 159 1.11 -10.17 11.03
N GLN B 160 0.52 -8.98 11.18
CA GLN B 160 0.63 -8.24 12.42
C GLN B 160 0.08 -9.10 13.57
N LEU B 161 -1.16 -9.57 13.42
CA LEU B 161 -1.84 -10.30 14.48
C LEU B 161 -1.08 -11.59 14.79
N CYS B 162 -0.59 -12.26 13.74
CA CYS B 162 -0.02 -13.59 13.89
C CYS B 162 0.81 -13.67 15.18
N HIS B 163 1.81 -12.79 15.32
CA HIS B 163 2.67 -12.78 16.49
C HIS B 163 2.31 -11.58 17.37
N GLN B 164 1.60 -11.86 18.48
CA GLN B 164 1.07 -10.83 19.33
C GLN B 164 1.01 -11.36 20.77
#